data_3LMJ
#
_entry.id   3LMJ
#
_cell.length_a   98.103
_cell.length_b   98.103
_cell.length_c   220.324
_cell.angle_alpha   90.00
_cell.angle_beta   90.00
_cell.angle_gamma   120.00
#
_symmetry.space_group_name_H-M   'P 65 2 2'
#
loop_
_entity.id
_entity.type
_entity.pdbx_description
1 polymer 'Heavy chain of anti HIV Fab from human 21c antibody'
2 polymer 'Light chain of anti HIV Fab from human 21c antibody'
3 non-polymer (4S)-2-METHYL-2,4-PENTANEDIOL
4 water water
#
loop_
_entity_poly.entity_id
_entity_poly.type
_entity_poly.pdbx_seq_one_letter_code
_entity_poly.pdbx_strand_id
1 'polypeptide(L)'
;QVQVVQSGAEVRKPGASVKVSCKVSGFTLTGLSIHWVRQAPGKGLEWMGGFGPEENEIIYAQKFQGRVSMTEDTSTNTAY
MELSSLRSEDTAVYYCATGGNYYNLWTGYYPLAYWGQGTLVTVSSASTKGPSVFPLAPSSKSTSGGTAALGCLVKDYFPE
PVTVSWNSGALTSGVHTFPAVLQSSGLYSLSSVVTVPSSSLGTQTYICNVNHKPSNTKVDKKVEPKSCDKT
;
H
2 'polypeptide(L)'
;QSVLTQPPSVSAAPGQKVTISCSGSSSNIGKNYVSWYQQLPGAAPKLLIFDDTQRPSGIPDRFSGSKSGTSATLAITGLQ
TGDEADYYCGTWDSSLSTGQLFGGGTKLTVLGQPKAAPSVTLFPPSSEELQANKATLVCLISDFYPGAVTVAWKADSSPV
KAGVETTTPSKQSNNKYAASSYLSLTPEQWKSHRSYSCQVTHEGSTVEKTMAHAECS
;
L
#
# COMPACT_ATOMS: atom_id res chain seq x y z
N GLN A 1 -18.03 -12.43 -15.08
CA GLN A 1 -16.59 -12.00 -15.03
C GLN A 1 -16.45 -10.56 -14.52
N VAL A 2 -16.74 -10.32 -13.24
CA VAL A 2 -16.88 -8.93 -12.73
C VAL A 2 -15.60 -8.15 -12.46
N GLN A 3 -15.36 -7.11 -13.26
CA GLN A 3 -14.25 -6.17 -13.03
C GLN A 3 -14.72 -4.72 -12.78
N VAL A 4 -13.89 -3.97 -12.05
CA VAL A 4 -14.16 -2.59 -11.65
C VAL A 4 -12.88 -1.77 -11.80
N VAL A 5 -12.88 -0.73 -12.63
CA VAL A 5 -11.63 -0.01 -12.96
C VAL A 5 -11.76 1.49 -12.75
N GLN A 6 -10.90 2.05 -11.92
CA GLN A 6 -10.99 3.47 -11.55
C GLN A 6 -9.98 4.30 -12.34
N SER A 7 -10.15 5.62 -12.35
CA SER A 7 -9.20 6.55 -12.96
C SER A 7 -7.95 6.71 -12.10
N GLY A 8 -6.95 7.34 -12.67
CA GLY A 8 -5.60 7.34 -12.14
C GLY A 8 -5.41 8.34 -11.02
N ALA A 9 -4.27 8.22 -10.35
CA ALA A 9 -3.88 9.09 -9.25
C ALA A 9 -3.86 10.55 -9.69
N GLU A 10 -4.27 11.42 -8.79
CA GLU A 10 -4.33 12.85 -9.11
C GLU A 10 -3.78 13.71 -7.96
N VAL A 11 -3.11 14.82 -8.30
CA VAL A 11 -2.78 15.83 -7.30
C VAL A 11 -3.67 17.04 -7.53
N ARG A 12 -4.17 17.62 -6.44
CA ARG A 12 -5.00 18.84 -6.51
C ARG A 12 -4.60 19.77 -5.38
N LYS A 13 -4.77 21.06 -5.63
CA LYS A 13 -4.45 22.12 -4.68
C LYS A 13 -5.56 22.27 -3.62
N PRO A 14 -5.20 22.73 -2.42
CA PRO A 14 -6.21 22.96 -1.40
C PRO A 14 -7.23 23.95 -1.97
N GLY A 15 -8.49 23.69 -1.71
CA GLY A 15 -9.60 24.51 -2.21
C GLY A 15 -10.13 24.05 -3.57
N ALA A 16 -9.43 23.14 -4.25
CA ALA A 16 -9.90 22.73 -5.58
C ALA A 16 -10.85 21.55 -5.45
N SER A 17 -11.22 20.96 -6.59
CA SER A 17 -12.12 19.78 -6.61
C SER A 17 -11.40 18.67 -7.32
N VAL A 18 -11.76 17.42 -7.01
CA VAL A 18 -11.38 16.25 -7.83
C VAL A 18 -12.63 15.43 -8.22
N LYS A 19 -12.56 14.76 -9.37
CA LYS A 19 -13.63 13.89 -9.87
C LYS A 19 -13.05 12.52 -10.28
N VAL A 20 -13.38 11.47 -9.53
CA VAL A 20 -12.91 10.11 -9.80
C VAL A 20 -13.98 9.33 -10.57
N SER A 21 -13.55 8.60 -11.60
CA SER A 21 -14.44 7.67 -12.31
C SER A 21 -14.19 6.20 -11.92
N CYS A 22 -15.17 5.38 -12.26
CA CYS A 22 -15.27 3.98 -11.87
C CYS A 22 -16.04 3.24 -12.99
N LYS A 23 -15.34 2.50 -13.85
CA LYS A 23 -15.99 1.74 -14.91
C LYS A 23 -16.16 0.30 -14.51
N VAL A 24 -17.37 -0.23 -14.69
CA VAL A 24 -17.68 -1.59 -14.26
C VAL A 24 -18.04 -2.43 -15.49
N SER A 25 -17.51 -3.65 -15.56
CA SER A 25 -18.01 -4.64 -16.52
C SER A 25 -18.48 -5.94 -15.84
N GLY A 26 -19.22 -6.75 -16.59
CA GLY A 26 -19.70 -8.05 -16.12
C GLY A 26 -20.94 -7.93 -15.26
N PHE A 27 -21.56 -6.76 -15.28
CA PHE A 27 -22.71 -6.44 -14.42
C PHE A 27 -23.21 -5.05 -14.77
N THR A 28 -24.52 -4.89 -14.86
CA THR A 28 -25.12 -3.65 -15.35
C THR A 28 -25.46 -2.74 -14.20
N LEU A 29 -24.94 -1.52 -14.22
CA LEU A 29 -25.24 -0.55 -13.16
C LEU A 29 -26.72 -0.18 -13.23
N THR A 30 -27.35 -0.03 -12.07
CA THR A 30 -28.79 0.27 -12.01
C THR A 30 -29.06 1.77 -11.98
N GLY A 31 -28.04 2.56 -11.68
CA GLY A 31 -28.24 3.95 -11.27
C GLY A 31 -28.13 4.13 -9.75
N LEU A 32 -28.36 3.04 -9.01
CA LEU A 32 -28.31 3.04 -7.54
C LEU A 32 -27.17 2.14 -6.99
N SER A 33 -26.34 1.61 -7.87
CA SER A 33 -25.44 0.51 -7.53
C SER A 33 -24.16 0.88 -6.73
N ILE A 34 -23.58 2.04 -7.00
CA ILE A 34 -22.21 2.34 -6.56
C ILE A 34 -22.13 3.07 -5.21
N HIS A 35 -21.30 2.52 -4.31
CA HIS A 35 -20.93 3.21 -3.07
C HIS A 35 -19.49 3.73 -3.21
N TRP A 36 -19.18 4.81 -2.51
CA TRP A 36 -17.82 5.29 -2.41
C TRP A 36 -17.33 5.24 -0.98
N VAL A 37 -16.08 4.79 -0.84
CA VAL A 37 -15.40 4.62 0.43
C VAL A 37 -13.99 5.15 0.25
N ARG A 38 -13.46 5.88 1.23
CA ARG A 38 -12.07 6.31 1.16
C ARG A 38 -11.26 5.83 2.33
N GLN A 39 -9.95 6.01 2.20
CA GLN A 39 -8.97 5.59 3.19
C GLN A 39 -7.76 6.50 3.17
N ALA A 40 -7.62 7.30 4.23
CA ALA A 40 -6.47 8.18 4.38
C ALA A 40 -5.25 7.33 4.75
N PRO A 41 -4.04 7.80 4.43
CA PRO A 41 -2.88 6.92 4.59
C PRO A 41 -2.75 6.43 6.01
N GLY A 42 -2.63 5.13 6.16
CA GLY A 42 -2.50 4.54 7.47
C GLY A 42 -3.74 4.57 8.35
N LYS A 43 -4.92 4.89 7.81
CA LYS A 43 -6.16 4.96 8.61
C LYS A 43 -7.21 4.01 8.08
N GLY A 44 -8.36 3.96 8.75
CA GLY A 44 -9.36 2.96 8.42
C GLY A 44 -10.23 3.36 7.26
N LEU A 45 -11.10 2.46 6.84
CA LEU A 45 -12.04 2.76 5.74
C LEU A 45 -13.15 3.70 6.25
N GLU A 46 -13.54 4.64 5.43
CA GLU A 46 -14.56 5.65 5.77
C GLU A 46 -15.57 5.70 4.66
N TRP A 47 -16.82 5.30 4.92
CA TRP A 47 -17.84 5.38 3.86
C TRP A 47 -18.13 6.84 3.52
N MET A 48 -18.29 7.15 2.25
CA MET A 48 -18.64 8.51 1.83
C MET A 48 -20.10 8.66 1.44
N GLY A 49 -20.65 7.66 0.78
CA GLY A 49 -22.02 7.76 0.31
C GLY A 49 -22.46 6.61 -0.55
N GLY A 50 -23.79 6.52 -0.69
CA GLY A 50 -24.41 5.51 -1.53
C GLY A 50 -25.88 5.35 -1.22
N PHE A 51 -26.51 4.35 -1.83
CA PHE A 51 -27.97 4.06 -1.66
C PHE A 51 -28.15 3.12 -0.47
N GLY A 52 -29.02 3.50 0.46
CA GLY A 52 -29.36 2.63 1.60
C GLY A 52 -30.73 1.94 1.54
N PRO A 53 -30.96 0.92 2.40
CA PRO A 53 -32.30 0.36 2.35
C PRO A 53 -33.40 1.45 2.28
N GLU A 54 -33.62 2.17 3.38
CA GLU A 54 -34.85 2.94 3.62
C GLU A 54 -35.18 4.03 2.57
N GLU A 55 -34.25 4.94 2.31
CA GLU A 55 -34.62 6.31 1.93
C GLU A 55 -34.78 6.58 0.41
N ASN A 56 -34.52 5.58 -0.43
CA ASN A 56 -34.89 5.63 -1.85
C ASN A 56 -34.06 6.66 -2.60
N GLU A 57 -33.10 7.27 -1.91
CA GLU A 57 -32.15 8.15 -2.58
C GLU A 57 -30.76 8.00 -2.02
N ILE A 58 -29.80 8.32 -2.88
CA ILE A 58 -28.44 8.54 -2.49
C ILE A 58 -28.27 9.35 -1.18
N ILE A 59 -27.45 8.80 -0.28
CA ILE A 59 -27.21 9.31 1.08
C ILE A 59 -25.71 9.64 1.22
N TYR A 60 -25.37 10.73 1.89
CA TYR A 60 -23.96 11.11 2.03
C TYR A 60 -23.62 11.18 3.50
N ALA A 61 -22.44 10.73 3.87
CA ALA A 61 -21.99 10.86 5.27
C ALA A 61 -21.84 12.32 5.64
N GLN A 62 -22.12 12.63 6.90
CA GLN A 62 -22.35 14.01 7.32
C GLN A 62 -21.13 14.89 7.17
N LYS A 63 -19.95 14.28 7.16
CA LYS A 63 -18.68 15.00 6.91
C LYS A 63 -18.52 15.51 5.47
N PHE A 64 -19.24 14.93 4.52
CA PHE A 64 -19.05 15.31 3.12
C PHE A 64 -20.26 16.06 2.57
N GLN A 65 -21.29 16.22 3.38
CA GLN A 65 -22.59 16.59 2.85
C GLN A 65 -22.58 17.82 1.93
N GLY A 66 -22.10 18.95 2.43
CA GLY A 66 -22.18 20.18 1.61
C GLY A 66 -21.21 20.23 0.42
N ARG A 67 -20.48 19.15 0.14
CA ARG A 67 -19.40 19.24 -0.86
C ARG A 67 -19.04 17.98 -1.63
N VAL A 68 -19.99 17.06 -1.81
CA VAL A 68 -19.73 15.85 -2.58
C VAL A 68 -20.87 15.62 -3.53
N SER A 69 -20.55 14.97 -4.65
CA SER A 69 -21.58 14.58 -5.58
C SER A 69 -21.28 13.23 -6.19
N MET A 70 -22.27 12.34 -6.18
CA MET A 70 -22.11 10.98 -6.66
C MET A 70 -23.14 10.70 -7.74
N THR A 71 -22.65 10.42 -8.95
CA THR A 71 -23.52 10.16 -10.09
C THR A 71 -23.15 8.82 -10.70
N GLU A 72 -24.07 8.31 -11.51
CA GLU A 72 -23.98 6.97 -12.05
C GLU A 72 -24.68 6.96 -13.43
N ASP A 73 -23.91 6.61 -14.46
CA ASP A 73 -24.28 6.87 -15.84
C ASP A 73 -24.55 5.53 -16.53
N THR A 74 -25.83 5.11 -16.55
CA THR A 74 -26.20 3.74 -16.96
C THR A 74 -25.84 3.39 -18.43
N SER A 75 -25.87 4.35 -19.34
CA SER A 75 -25.49 4.06 -20.73
C SER A 75 -23.99 3.81 -20.90
N THR A 76 -23.18 4.32 -19.98
CA THR A 76 -21.71 4.22 -20.04
C THR A 76 -21.14 3.19 -19.05
N ASN A 77 -22.03 2.59 -18.25
CA ASN A 77 -21.68 1.74 -17.11
C ASN A 77 -20.52 2.28 -16.29
N THR A 78 -20.54 3.59 -16.09
CA THR A 78 -19.50 4.30 -15.38
C THR A 78 -20.09 5.16 -14.27
N ALA A 79 -19.38 5.22 -13.14
CA ALA A 79 -19.80 5.96 -11.95
C ALA A 79 -18.79 7.04 -11.61
N TYR A 80 -19.24 8.13 -11.02
CA TYR A 80 -18.36 9.23 -10.73
C TYR A 80 -18.55 9.76 -9.31
N MET A 81 -17.44 10.18 -8.70
CA MET A 81 -17.51 10.88 -7.41
C MET A 81 -16.75 12.20 -7.49
N GLU A 82 -17.40 13.31 -7.16
CA GLU A 82 -16.74 14.62 -7.14
C GLU A 82 -16.72 15.20 -5.73
N LEU A 83 -15.50 15.50 -5.26
CA LEU A 83 -15.30 16.08 -3.95
C LEU A 83 -14.66 17.46 -4.08
N SER A 84 -15.29 18.48 -3.50
CA SER A 84 -14.79 19.87 -3.64
C SER A 84 -14.40 20.46 -2.29
N SER A 85 -13.93 21.70 -2.31
CA SER A 85 -13.30 22.35 -1.17
C SER A 85 -12.26 21.45 -0.49
N LEU A 86 -11.39 20.85 -1.30
CA LEU A 86 -10.45 19.85 -0.79
C LEU A 86 -9.52 20.47 0.26
N ARG A 87 -9.19 19.67 1.26
CA ARG A 87 -8.22 20.03 2.32
C ARG A 87 -7.19 18.91 2.44
N SER A 88 -6.05 19.20 3.08
CA SER A 88 -5.06 18.19 3.45
C SER A 88 -5.63 16.87 3.85
N GLU A 89 -6.49 16.88 4.84
CA GLU A 89 -7.07 15.65 5.30
C GLU A 89 -7.91 14.91 4.27
N ASP A 90 -8.17 15.48 3.09
CA ASP A 90 -8.77 14.72 2.01
C ASP A 90 -7.78 13.87 1.16
N THR A 91 -6.47 13.93 1.48
CA THR A 91 -5.48 13.02 0.85
C THR A 91 -5.82 11.59 1.24
N ALA A 92 -6.11 10.77 0.26
CA ALA A 92 -6.63 9.45 0.55
C ALA A 92 -6.64 8.61 -0.69
N VAL A 93 -6.77 7.30 -0.51
CA VAL A 93 -7.22 6.41 -1.60
C VAL A 93 -8.75 6.35 -1.64
N TYR A 94 -9.33 6.62 -2.80
CA TYR A 94 -10.78 6.63 -2.95
C TYR A 94 -11.16 5.37 -3.74
N TYR A 95 -12.11 4.60 -3.21
CA TYR A 95 -12.60 3.36 -3.77
C TYR A 95 -14.08 3.50 -4.16
N CYS A 96 -14.47 2.98 -5.31
CA CYS A 96 -15.87 2.61 -5.55
C CYS A 96 -16.04 1.13 -5.33
N ALA A 97 -17.26 0.72 -5.00
CA ALA A 97 -17.57 -0.67 -4.66
C ALA A 97 -19.05 -0.95 -4.93
N THR A 98 -19.38 -2.20 -5.19
CA THR A 98 -20.75 -2.54 -5.47
C THR A 98 -21.09 -3.94 -5.00
N GLY A 99 -22.37 -4.20 -4.78
CA GLY A 99 -22.83 -5.54 -4.52
C GLY A 99 -22.74 -6.44 -5.73
N GLY A 100 -22.75 -5.87 -6.93
CA GLY A 100 -22.84 -6.67 -8.16
C GLY A 100 -24.07 -7.56 -8.13
N ASN A 101 -23.86 -8.87 -8.28
CA ASN A 101 -24.96 -9.82 -8.18
C ASN A 101 -25.13 -10.45 -6.79
N TYR A 102 -24.66 -9.75 -5.75
CA TYR A 102 -24.84 -10.20 -4.36
C TYR A 102 -26.08 -9.57 -3.70
N TYR A 103 -27.11 -9.28 -4.50
CA TYR A 103 -28.41 -8.77 -4.00
C TYR A 103 -29.34 -9.89 -3.51
N ASN A 104 -29.71 -9.83 -2.22
CA ASN A 104 -30.67 -10.76 -1.63
C ASN A 104 -32.09 -10.16 -1.63
N LEU A 105 -33.02 -10.78 -2.36
CA LEU A 105 -34.35 -10.19 -2.56
C LEU A 105 -35.34 -10.46 -1.40
N TRP A 106 -35.05 -11.45 -0.56
CA TRP A 106 -35.84 -11.66 0.66
C TRP A 106 -35.53 -10.67 1.82
N THR A 107 -34.42 -9.92 1.73
CA THR A 107 -34.15 -8.84 2.69
C THR A 107 -33.65 -7.50 2.08
N GLY A 108 -33.34 -7.46 0.78
CA GLY A 108 -32.87 -6.22 0.10
C GLY A 108 -31.37 -5.92 0.27
N TYR A 109 -30.78 -6.60 1.24
CA TYR A 109 -29.37 -6.38 1.66
C TYR A 109 -28.36 -6.74 0.59
N TYR A 110 -27.32 -5.90 0.43
CA TYR A 110 -26.08 -6.34 -0.21
C TYR A 110 -24.81 -5.87 0.52
N PRO A 111 -23.75 -6.70 0.49
CA PRO A 111 -22.42 -6.29 0.92
C PRO A 111 -21.71 -5.62 -0.21
N LEU A 112 -20.56 -5.05 0.10
CA LEU A 112 -19.72 -4.52 -0.91
C LEU A 112 -18.76 -5.62 -1.39
N ALA A 113 -19.12 -6.31 -2.46
CA ALA A 113 -18.45 -7.56 -2.93
C ALA A 113 -17.37 -7.29 -3.95
N TYR A 114 -17.55 -6.24 -4.73
CA TYR A 114 -16.59 -5.89 -5.78
C TYR A 114 -16.06 -4.45 -5.60
N TRP A 115 -14.75 -4.34 -5.40
CA TRP A 115 -14.14 -3.04 -5.16
C TRP A 115 -13.24 -2.66 -6.35
N GLY A 116 -13.22 -1.38 -6.72
CA GLY A 116 -12.18 -0.89 -7.62
C GLY A 116 -10.78 -1.04 -7.04
N GLN A 117 -9.75 -0.70 -7.81
CA GLN A 117 -8.36 -0.80 -7.36
C GLN A 117 -7.94 0.38 -6.47
N GLY A 118 -8.71 1.46 -6.48
CA GLY A 118 -8.37 2.64 -5.69
C GLY A 118 -7.76 3.73 -6.56
N THR A 119 -8.03 4.98 -6.21
CA THR A 119 -7.46 6.16 -6.82
C THR A 119 -6.87 7.02 -5.72
N LEU A 120 -5.57 7.26 -5.78
CA LEU A 120 -4.95 8.06 -4.77
C LEU A 120 -5.08 9.48 -5.14
N VAL A 121 -5.64 10.28 -4.26
CA VAL A 121 -5.71 11.69 -4.47
C VAL A 121 -4.86 12.40 -3.43
N THR A 122 -3.89 13.16 -3.91
CA THR A 122 -3.01 13.92 -3.04
C THR A 122 -3.43 15.40 -3.05
N VAL A 123 -3.66 15.97 -1.89
CA VAL A 123 -4.02 17.35 -1.78
C VAL A 123 -2.80 18.12 -1.31
N SER A 124 -2.26 18.96 -2.21
CA SER A 124 -1.02 19.68 -1.95
C SER A 124 -0.88 20.83 -2.91
N SER A 125 -0.04 21.79 -2.56
CA SER A 125 0.26 22.89 -3.47
C SER A 125 1.57 22.66 -4.30
N ALA A 126 2.24 21.54 -4.06
CA ALA A 126 3.48 21.23 -4.76
C ALA A 126 3.16 20.78 -6.21
N SER A 127 4.07 21.11 -7.12
CA SER A 127 3.92 20.80 -8.52
C SER A 127 4.19 19.30 -8.84
N THR A 128 3.44 18.74 -9.79
CA THR A 128 3.73 17.43 -10.33
C THR A 128 5.16 17.37 -10.92
N LYS A 129 5.90 16.31 -10.62
CA LYS A 129 7.25 16.14 -11.13
C LYS A 129 7.57 14.67 -11.40
N GLY A 130 8.03 14.38 -12.62
CA GLY A 130 8.43 13.03 -13.01
C GLY A 130 9.80 12.66 -12.46
N PRO A 131 10.03 11.39 -12.22
CA PRO A 131 11.26 10.84 -11.62
C PRO A 131 12.43 10.77 -12.60
N SER A 132 13.63 10.82 -12.04
CA SER A 132 14.81 10.31 -12.74
C SER A 132 14.95 8.85 -12.33
N VAL A 133 15.41 8.00 -13.24
CA VAL A 133 15.63 6.58 -12.96
C VAL A 133 17.06 6.23 -13.19
N PHE A 134 17.72 5.64 -12.18
CA PHE A 134 19.15 5.32 -12.24
C PHE A 134 19.33 3.85 -11.99
N PRO A 135 20.27 3.20 -12.67
CA PRO A 135 20.49 1.79 -12.36
C PRO A 135 21.26 1.56 -11.03
N LEU A 136 20.90 0.49 -10.29
CA LEU A 136 21.71 -0.04 -9.19
C LEU A 136 22.38 -1.32 -9.64
N ALA A 137 23.62 -1.18 -10.10
CA ALA A 137 24.27 -2.21 -10.90
C ALA A 137 24.71 -3.37 -9.98
N PRO A 138 24.59 -4.61 -10.45
CA PRO A 138 25.16 -5.70 -9.62
C PRO A 138 26.69 -5.64 -9.58
N SER A 139 27.29 -6.01 -8.45
CA SER A 139 28.79 -6.09 -8.26
C SER A 139 29.12 -7.19 -7.25
N SER A 140 30.39 -7.35 -6.89
CA SER A 140 30.76 -8.34 -5.86
C SER A 140 30.27 -7.91 -4.47
N LYS A 141 30.08 -6.60 -4.27
CA LYS A 141 29.38 -6.12 -3.08
C LYS A 141 27.97 -6.71 -2.99
N SER A 142 27.27 -6.76 -4.13
CA SER A 142 25.87 -7.19 -4.15
C SER A 142 25.75 -8.68 -4.49
N THR A 143 26.88 -9.38 -4.53
CA THR A 143 26.93 -10.80 -4.93
C THR A 143 27.40 -11.68 -3.77
N SER A 144 26.54 -12.63 -3.40
CA SER A 144 26.96 -13.75 -2.56
C SER A 144 26.28 -15.08 -2.96
N GLY A 145 27.07 -16.14 -3.02
CA GLY A 145 26.54 -17.51 -3.02
C GLY A 145 25.79 -17.91 -4.28
N GLY A 146 26.32 -17.54 -5.44
CA GLY A 146 25.59 -17.78 -6.68
C GLY A 146 24.42 -16.83 -6.99
N THR A 147 24.08 -15.89 -6.12
CA THR A 147 23.01 -14.91 -6.44
C THR A 147 23.51 -13.47 -6.31
N ALA A 148 22.89 -12.56 -7.05
CA ALA A 148 23.33 -11.15 -7.02
C ALA A 148 22.14 -10.21 -6.98
N ALA A 149 22.29 -9.08 -6.31
CA ALA A 149 21.21 -8.12 -6.21
C ALA A 149 21.47 -6.96 -7.17
N LEU A 150 20.44 -6.55 -7.89
CA LEU A 150 20.53 -5.39 -8.76
C LEU A 150 19.22 -4.67 -8.64
N GLY A 151 19.18 -3.45 -9.13
CA GLY A 151 18.04 -2.60 -8.85
C GLY A 151 17.92 -1.37 -9.71
N CYS A 152 16.87 -0.59 -9.43
CA CYS A 152 16.68 0.72 -10.02
C CYS A 152 16.31 1.69 -8.90
N LEU A 153 16.85 2.90 -9.00
CA LEU A 153 16.56 3.96 -8.04
C LEU A 153 15.65 4.93 -8.79
N VAL A 154 14.51 5.21 -8.21
CA VAL A 154 13.49 6.07 -8.84
C VAL A 154 13.41 7.32 -7.98
N LYS A 155 13.93 8.41 -8.51
CA LYS A 155 14.29 9.55 -7.67
C LYS A 155 13.50 10.83 -7.99
N ASP A 156 13.06 11.50 -6.94
CA ASP A 156 12.61 12.89 -6.96
C ASP A 156 11.32 13.11 -7.76
N TYR A 157 10.22 12.48 -7.34
CA TYR A 157 8.95 12.62 -8.06
C TYR A 157 7.85 13.10 -7.11
N PHE A 158 6.80 13.65 -7.69
CA PHE A 158 5.60 14.04 -7.00
C PHE A 158 4.44 13.98 -7.95
N PRO A 159 3.25 13.59 -7.54
CA PRO A 159 2.97 12.93 -6.29
C PRO A 159 3.18 11.44 -6.38
N GLU A 160 2.85 10.70 -5.34
CA GLU A 160 2.68 9.25 -5.44
C GLU A 160 1.56 8.91 -6.39
N PRO A 161 1.64 7.81 -7.11
CA PRO A 161 2.47 6.66 -6.85
C PRO A 161 3.31 6.41 -8.12
N VAL A 162 4.32 5.57 -8.05
CA VAL A 162 4.90 4.98 -9.25
C VAL A 162 4.71 3.51 -9.28
N THR A 163 4.74 2.92 -10.45
CA THR A 163 4.88 1.50 -10.60
C THR A 163 6.18 1.08 -11.23
N VAL A 164 6.74 -0.01 -10.75
CA VAL A 164 7.95 -0.62 -11.31
C VAL A 164 7.64 -2.08 -11.61
N SER A 165 7.92 -2.57 -12.81
CA SER A 165 8.03 -3.99 -13.03
C SER A 165 9.39 -4.30 -13.62
N TRP A 166 9.68 -5.58 -13.77
CA TRP A 166 10.92 -6.01 -14.32
C TRP A 166 10.67 -6.87 -15.54
N ASN A 167 11.40 -6.57 -16.60
CA ASN A 167 11.31 -7.31 -17.83
C ASN A 167 9.86 -7.39 -18.32
N SER A 168 9.20 -6.23 -18.28
CA SER A 168 7.77 -6.11 -18.68
C SER A 168 6.86 -7.12 -17.99
N GLY A 169 7.19 -7.49 -16.76
CA GLY A 169 6.34 -8.41 -15.98
C GLY A 169 6.75 -9.88 -15.99
N ALA A 170 7.66 -10.29 -16.87
CA ALA A 170 8.19 -11.67 -16.89
C ALA A 170 9.01 -12.03 -15.67
N LEU A 171 9.60 -11.05 -15.02
CA LEU A 171 10.43 -11.32 -13.84
C LEU A 171 9.69 -10.84 -12.61
N THR A 172 9.30 -11.76 -11.73
CA THR A 172 8.59 -11.37 -10.50
C THR A 172 9.21 -12.01 -9.27
N SER A 173 9.76 -13.19 -9.44
CA SER A 173 10.41 -13.88 -8.36
C SER A 173 11.67 -13.12 -7.92
N GLY A 174 11.82 -12.93 -6.63
CA GLY A 174 12.96 -12.24 -6.08
C GLY A 174 12.86 -10.70 -6.14
N VAL A 175 11.71 -10.15 -6.55
CA VAL A 175 11.53 -8.70 -6.65
C VAL A 175 11.07 -8.09 -5.32
N HIS A 176 11.71 -7.01 -4.89
CA HIS A 176 11.18 -6.24 -3.76
C HIS A 176 11.20 -4.78 -4.11
N THR A 177 10.02 -4.17 -4.07
CA THR A 177 9.89 -2.77 -4.39
C THR A 177 9.55 -2.08 -3.05
N PHE A 178 10.42 -1.17 -2.62
CA PHE A 178 10.31 -0.56 -1.31
C PHE A 178 9.21 0.49 -1.30
N PRO A 179 8.58 0.73 -0.16
CA PRO A 179 7.81 1.96 0.01
C PRO A 179 8.67 3.23 -0.26
N ALA A 180 8.04 4.25 -0.81
CA ALA A 180 8.74 5.56 -1.05
C ALA A 180 9.11 6.23 0.27
N VAL A 181 10.19 6.97 0.27
CA VAL A 181 10.49 7.93 1.33
C VAL A 181 10.08 9.30 0.85
N LEU A 182 9.50 10.09 1.72
CA LEU A 182 9.25 11.48 1.41
C LEU A 182 10.40 12.29 1.95
N GLN A 183 11.17 12.89 1.03
CA GLN A 183 12.39 13.59 1.39
C GLN A 183 12.07 14.99 1.90
N SER A 184 13.05 15.62 2.56
CA SER A 184 12.85 16.95 3.10
C SER A 184 12.60 18.01 2.00
N SER A 185 13.03 17.74 0.76
CA SER A 185 12.62 18.60 -0.38
C SER A 185 11.13 18.56 -0.72
N GLY A 186 10.38 17.63 -0.12
CA GLY A 186 8.99 17.44 -0.50
C GLY A 186 8.77 16.59 -1.76
N LEU A 187 9.80 15.90 -2.22
CA LEU A 187 9.67 14.95 -3.34
C LEU A 187 9.90 13.53 -2.83
N TYR A 188 9.35 12.56 -3.53
CA TYR A 188 9.51 11.19 -3.12
C TYR A 188 10.69 10.53 -3.82
N SER A 189 11.15 9.46 -3.22
CA SER A 189 12.05 8.57 -3.96
C SER A 189 11.93 7.14 -3.44
N LEU A 190 12.13 6.18 -4.34
CA LEU A 190 12.07 4.76 -3.97
C LEU A 190 13.01 3.97 -4.81
N SER A 191 13.23 2.72 -4.38
CA SER A 191 14.06 1.80 -5.12
C SER A 191 13.34 0.48 -5.26
N SER A 192 13.66 -0.23 -6.33
CA SER A 192 13.15 -1.59 -6.51
C SER A 192 14.39 -2.47 -6.76
N VAL A 193 14.43 -3.61 -6.12
CA VAL A 193 15.60 -4.49 -6.20
C VAL A 193 15.20 -5.87 -6.56
N VAL A 194 16.05 -6.57 -7.32
CA VAL A 194 15.77 -7.98 -7.58
C VAL A 194 17.01 -8.83 -7.36
N THR A 195 16.86 -10.03 -6.81
CA THR A 195 17.99 -10.93 -6.67
C THR A 195 17.90 -12.01 -7.74
N VAL A 196 19.00 -12.24 -8.45
CA VAL A 196 19.03 -13.16 -9.60
C VAL A 196 20.25 -14.04 -9.50
N PRO A 197 20.26 -15.13 -10.30
CA PRO A 197 21.44 -16.00 -10.34
C PRO A 197 22.58 -15.23 -10.96
N SER A 198 23.71 -15.22 -10.27
CA SER A 198 24.85 -14.43 -10.68
C SER A 198 25.45 -15.01 -11.97
N SER A 199 25.14 -16.25 -12.26
CA SER A 199 25.40 -16.84 -13.55
C SER A 199 24.68 -16.22 -14.74
N SER A 200 23.52 -15.64 -14.52
CA SER A 200 22.77 -14.95 -15.56
C SER A 200 23.37 -13.63 -16.05
N LEU A 201 24.24 -13.05 -15.26
CA LEU A 201 24.55 -11.65 -15.39
C LEU A 201 25.19 -11.36 -16.74
N GLY A 202 25.95 -12.30 -17.25
CA GLY A 202 26.58 -12.16 -18.52
C GLY A 202 25.60 -12.02 -19.64
N THR A 203 24.51 -12.70 -19.53
CA THR A 203 23.74 -13.12 -20.66
C THR A 203 22.30 -12.63 -20.67
N GLN A 204 21.73 -12.43 -19.50
CA GLN A 204 20.33 -12.11 -19.39
C GLN A 204 20.15 -10.63 -19.12
N THR A 205 19.36 -9.98 -19.96
CA THR A 205 19.03 -8.60 -19.83
C THR A 205 18.07 -8.32 -18.71
N TYR A 206 18.36 -7.35 -17.88
CA TYR A 206 17.46 -6.95 -16.84
C TYR A 206 17.10 -5.48 -17.05
N ILE A 207 15.81 -5.21 -17.17
CA ILE A 207 15.27 -3.88 -17.44
C ILE A 207 14.16 -3.56 -16.45
N CYS A 208 14.27 -2.45 -15.71
CA CYS A 208 13.16 -1.99 -14.89
C CYS A 208 12.29 -1.05 -15.70
N ASN A 209 10.98 -1.33 -15.65
CA ASN A 209 9.95 -0.52 -16.32
C ASN A 209 9.24 0.36 -15.29
N VAL A 210 9.51 1.64 -15.38
CA VAL A 210 9.02 2.63 -14.46
C VAL A 210 7.97 3.52 -15.13
N ASN A 211 6.81 3.61 -14.49
CA ASN A 211 5.73 4.49 -14.90
C ASN A 211 5.36 5.40 -13.75
N HIS A 212 5.21 6.69 -14.06
CA HIS A 212 4.64 7.72 -13.13
C HIS A 212 3.53 8.42 -13.89
N LYS A 213 2.32 7.91 -13.75
CA LYS A 213 1.22 8.39 -14.58
C LYS A 213 0.83 9.84 -14.38
N PRO A 214 0.92 10.34 -13.13
CA PRO A 214 0.53 11.75 -12.98
C PRO A 214 1.37 12.72 -13.83
N SER A 215 2.62 12.36 -14.15
CA SER A 215 3.46 13.20 -15.01
C SER A 215 3.63 12.66 -16.44
N ASN A 216 2.88 11.60 -16.79
CA ASN A 216 3.04 10.88 -18.06
C ASN A 216 4.48 10.46 -18.34
N THR A 217 5.16 9.97 -17.32
CA THR A 217 6.55 9.52 -17.44
C THR A 217 6.65 8.00 -17.56
N LYS A 218 7.34 7.57 -18.61
CA LYS A 218 7.62 6.16 -18.90
C LYS A 218 9.15 6.00 -19.19
N VAL A 219 9.83 5.20 -18.37
CA VAL A 219 11.26 4.95 -18.54
C VAL A 219 11.54 3.42 -18.35
N ASP A 220 12.28 2.83 -19.30
CA ASP A 220 12.75 1.40 -19.20
C ASP A 220 14.27 1.37 -19.05
N LYS A 221 14.80 1.22 -17.85
CA LYS A 221 16.25 1.22 -17.64
C LYS A 221 16.88 -0.16 -17.64
N LYS A 222 17.83 -0.37 -18.53
CA LYS A 222 18.64 -1.58 -18.52
C LYS A 222 19.71 -1.47 -17.46
N VAL A 223 19.80 -2.49 -16.62
CA VAL A 223 20.72 -2.48 -15.52
C VAL A 223 21.77 -3.51 -15.84
N GLU A 224 23.02 -3.05 -15.99
CA GLU A 224 24.20 -3.91 -16.33
C GLU A 224 25.25 -3.94 -15.22
N PRO A 225 26.04 -5.01 -15.17
CA PRO A 225 27.12 -5.26 -14.18
C PRO A 225 28.19 -4.19 -14.03
N GLN B 1 -23.28 5.30 20.06
CA GLN B 1 -24.07 4.26 19.40
C GLN B 1 -24.17 4.18 17.87
N SER B 2 -23.86 5.23 17.10
CA SER B 2 -23.62 5.03 15.64
C SER B 2 -22.13 4.79 15.30
N VAL B 3 -21.54 3.79 15.91
CA VAL B 3 -20.11 3.55 15.88
C VAL B 3 -19.86 2.05 15.94
N LEU B 4 -18.94 1.52 15.11
CA LEU B 4 -18.39 0.18 15.27
C LEU B 4 -16.93 0.25 15.74
N THR B 5 -16.54 -0.58 16.69
CA THR B 5 -15.11 -0.60 17.05
C THR B 5 -14.57 -2.05 17.04
N GLN B 6 -13.25 -2.14 17.00
CA GLN B 6 -12.52 -3.38 16.92
C GLN B 6 -11.24 -3.16 17.67
N PRO B 7 -10.65 -4.25 18.15
CA PRO B 7 -9.30 -4.10 18.68
C PRO B 7 -8.28 -3.73 17.59
N PRO B 8 -7.37 -2.79 17.88
CA PRO B 8 -6.45 -2.34 16.84
C PRO B 8 -5.51 -3.40 16.42
N SER B 9 -5.25 -4.32 17.32
CA SER B 9 -4.16 -5.21 17.14
C SER B 9 -4.42 -6.61 17.71
N VAL B 10 -4.25 -7.64 16.87
CA VAL B 10 -4.33 -9.04 17.30
C VAL B 10 -3.15 -9.81 16.71
N SER B 11 -2.69 -10.81 17.45
CA SER B 11 -1.56 -11.61 17.01
C SER B 11 -1.68 -13.08 17.45
N ALA B 12 -1.13 -13.98 16.62
CA ALA B 12 -1.04 -15.43 16.96
C ALA B 12 -0.08 -16.15 16.04
N ALA B 13 0.20 -17.42 16.34
CA ALA B 13 1.21 -18.20 15.58
C ALA B 13 0.58 -19.07 14.51
N PRO B 14 1.35 -19.39 13.47
CA PRO B 14 0.88 -20.30 12.43
C PRO B 14 0.18 -21.54 13.01
N GLY B 15 -1.02 -21.87 12.51
CA GLY B 15 -1.72 -23.08 12.92
C GLY B 15 -2.73 -22.88 14.04
N GLN B 16 -2.66 -21.73 14.70
CA GLN B 16 -3.61 -21.36 15.73
C GLN B 16 -4.90 -20.79 15.18
N LYS B 17 -5.86 -20.65 16.10
CA LYS B 17 -7.13 -20.00 15.83
C LYS B 17 -7.05 -18.62 16.48
N VAL B 18 -7.56 -17.63 15.79
CA VAL B 18 -7.66 -16.30 16.32
C VAL B 18 -9.04 -15.73 15.98
N THR B 19 -9.56 -14.84 16.84
CA THR B 19 -10.80 -14.14 16.59
C THR B 19 -10.62 -12.63 16.70
N ILE B 20 -11.43 -11.91 15.94
CA ILE B 20 -11.50 -10.47 15.92
C ILE B 20 -12.96 -10.06 16.11
N SER B 21 -13.25 -9.28 17.15
CA SER B 21 -14.61 -8.79 17.44
C SER B 21 -14.81 -7.37 17.00
N CYS B 22 -16.06 -7.12 16.70
CA CYS B 22 -16.57 -5.89 16.22
C CYS B 22 -17.74 -5.56 17.13
N SER B 23 -17.66 -4.43 17.80
CA SER B 23 -18.62 -4.06 18.82
C SER B 23 -19.41 -2.81 18.36
N GLY B 24 -20.74 -2.91 18.46
CA GLY B 24 -21.62 -1.82 18.09
C GLY B 24 -22.76 -1.62 19.02
N SER B 25 -23.93 -1.27 18.49
CA SER B 25 -25.06 -1.01 19.31
C SER B 25 -26.39 -1.51 18.69
N SER B 26 -27.52 -1.16 19.32
CA SER B 26 -28.79 -1.65 18.83
C SER B 26 -29.15 -1.12 17.41
N SER B 27 -28.66 0.05 17.03
CA SER B 27 -29.06 0.63 15.75
C SER B 27 -28.24 0.06 14.54
N ASN B 28 -27.14 -0.62 14.81
CA ASN B 28 -26.34 -1.16 13.73
C ASN B 28 -26.29 -2.70 13.79
N ILE B 29 -25.35 -3.28 14.53
CA ILE B 29 -25.23 -4.71 14.60
C ILE B 29 -26.50 -5.36 15.18
N GLY B 30 -27.16 -4.64 16.06
CA GLY B 30 -28.42 -5.11 16.64
C GLY B 30 -29.54 -5.38 15.65
N LYS B 31 -29.59 -4.64 14.54
CA LYS B 31 -30.70 -4.74 13.56
C LYS B 31 -30.23 -5.20 12.18
N ASN B 32 -28.95 -5.03 11.84
CA ASN B 32 -28.51 -5.07 10.45
C ASN B 32 -27.48 -6.20 10.26
N TYR B 33 -27.09 -6.45 9.01
CA TYR B 33 -26.24 -7.57 8.68
C TYR B 33 -24.78 -7.13 8.57
N VAL B 34 -23.90 -7.95 9.14
CA VAL B 34 -22.50 -7.61 9.28
C VAL B 34 -21.71 -8.25 8.14
N SER B 35 -20.75 -7.52 7.59
CA SER B 35 -19.82 -8.11 6.67
C SER B 35 -18.42 -7.83 7.17
N TRP B 36 -17.49 -8.65 6.70
CA TRP B 36 -16.06 -8.55 7.08
C TRP B 36 -15.21 -8.47 5.82
N TYR B 37 -14.09 -7.73 5.90
CA TYR B 37 -13.21 -7.46 4.75
C TYR B 37 -11.76 -7.68 5.15
N GLN B 38 -10.99 -8.24 4.23
CA GLN B 38 -9.57 -8.34 4.37
C GLN B 38 -8.88 -7.33 3.47
N GLN B 39 -7.79 -6.74 3.95
CA GLN B 39 -7.05 -5.80 3.17
C GLN B 39 -5.57 -6.06 3.37
N LEU B 40 -4.94 -6.53 2.30
CA LEU B 40 -3.47 -6.65 2.21
C LEU B 40 -2.85 -5.31 1.88
N PRO B 41 -1.54 -5.15 2.22
CA PRO B 41 -0.79 -3.92 1.98
C PRO B 41 -0.86 -3.46 0.53
N GLY B 42 -1.18 -2.19 0.31
CA GLY B 42 -1.30 -1.65 -1.04
C GLY B 42 -2.65 -1.85 -1.70
N ALA B 43 -3.41 -2.85 -1.22
CA ALA B 43 -4.46 -3.48 -2.02
C ALA B 43 -5.88 -2.97 -1.62
N ALA B 44 -6.86 -3.15 -2.50
CA ALA B 44 -8.25 -2.91 -2.14
C ALA B 44 -8.76 -3.95 -1.16
N PRO B 45 -9.74 -3.54 -0.33
CA PRO B 45 -10.39 -4.47 0.53
C PRO B 45 -11.00 -5.57 -0.30
N LYS B 46 -11.11 -6.77 0.31
CA LYS B 46 -11.73 -7.95 -0.28
C LYS B 46 -12.80 -8.52 0.69
N LEU B 47 -13.97 -8.85 0.16
CA LEU B 47 -15.04 -9.37 0.98
C LEU B 47 -14.71 -10.79 1.49
N LEU B 48 -14.80 -11.00 2.81
CA LEU B 48 -14.54 -12.31 3.39
C LEU B 48 -15.83 -13.01 3.83
N ILE B 49 -16.70 -12.28 4.49
CA ILE B 49 -17.96 -12.73 5.05
C ILE B 49 -19.03 -11.69 4.76
N PHE B 50 -20.23 -12.12 4.46
CA PHE B 50 -21.37 -11.22 4.34
C PHE B 50 -22.60 -11.84 4.98
N ASP B 51 -23.58 -11.02 5.32
CA ASP B 51 -24.79 -11.49 5.94
C ASP B 51 -24.55 -12.28 7.19
N ASP B 52 -23.63 -11.78 7.99
CA ASP B 52 -23.26 -12.33 9.27
C ASP B 52 -22.39 -13.56 9.17
N THR B 53 -22.80 -14.52 8.38
CA THR B 53 -22.21 -15.82 8.45
C THR B 53 -21.71 -16.40 7.14
N GLN B 54 -22.03 -15.79 6.02
CA GLN B 54 -21.85 -16.39 4.71
C GLN B 54 -20.48 -16.10 4.08
N ARG B 55 -19.84 -17.12 3.52
CA ARG B 55 -18.63 -16.90 2.73
C ARG B 55 -18.92 -16.69 1.26
N PRO B 56 -18.30 -15.72 0.60
CA PRO B 56 -18.37 -15.77 -0.87
C PRO B 56 -17.60 -16.94 -1.44
N SER B 57 -17.92 -17.26 -2.69
CA SER B 57 -17.15 -18.20 -3.48
C SER B 57 -15.68 -17.76 -3.56
N GLY B 58 -14.79 -18.70 -3.28
CA GLY B 58 -13.35 -18.44 -3.30
C GLY B 58 -12.72 -18.19 -1.94
N ILE B 59 -13.53 -17.99 -0.90
CA ILE B 59 -13.02 -17.76 0.46
C ILE B 59 -13.03 -19.09 1.21
N PRO B 60 -11.89 -19.45 1.81
CA PRO B 60 -11.72 -20.76 2.46
C PRO B 60 -12.53 -20.90 3.74
N ASP B 61 -12.85 -22.15 4.09
CA ASP B 61 -13.65 -22.47 5.28
C ASP B 61 -12.92 -22.19 6.58
N ARG B 62 -11.66 -21.78 6.52
CA ARG B 62 -10.93 -21.33 7.71
C ARG B 62 -11.51 -20.02 8.26
N PHE B 63 -12.18 -19.23 7.43
CA PHE B 63 -12.78 -17.96 7.86
C PHE B 63 -14.27 -18.18 8.16
N SER B 64 -14.71 -17.75 9.34
CA SER B 64 -16.12 -17.78 9.66
C SER B 64 -16.54 -16.55 10.45
N GLY B 65 -17.82 -16.22 10.40
CA GLY B 65 -18.37 -15.06 11.09
C GLY B 65 -19.59 -15.49 11.91
N SER B 66 -19.80 -14.82 13.03
CA SER B 66 -21.01 -14.99 13.86
C SER B 66 -21.37 -13.63 14.44
N LYS B 67 -22.51 -13.61 15.12
CA LYS B 67 -23.09 -12.37 15.65
C LYS B 67 -23.70 -12.77 16.99
N SER B 68 -23.62 -11.88 17.98
CA SER B 68 -24.38 -12.05 19.21
C SER B 68 -24.58 -10.71 19.93
N GLY B 69 -25.83 -10.39 20.28
CA GLY B 69 -26.12 -9.13 20.99
C GLY B 69 -25.85 -7.96 20.09
N THR B 70 -24.96 -7.08 20.50
CA THR B 70 -24.55 -5.99 19.64
C THR B 70 -23.08 -6.12 19.21
N SER B 71 -22.59 -7.36 19.13
CA SER B 71 -21.26 -7.70 18.64
C SER B 71 -21.26 -8.79 17.58
N ALA B 72 -20.18 -8.86 16.81
CA ALA B 72 -20.01 -9.82 15.70
C ALA B 72 -18.51 -10.25 15.79
N THR B 73 -18.22 -11.46 15.38
CA THR B 73 -16.88 -12.04 15.52
C THR B 73 -16.48 -12.72 14.23
N LEU B 74 -15.28 -12.38 13.72
CA LEU B 74 -14.63 -13.12 12.65
C LEU B 74 -13.68 -14.11 13.29
N ALA B 75 -13.74 -15.35 12.84
CA ALA B 75 -12.81 -16.41 13.32
C ALA B 75 -11.98 -16.94 12.15
N ILE B 76 -10.66 -17.05 12.36
CA ILE B 76 -9.75 -17.65 11.41
C ILE B 76 -9.04 -18.83 12.07
N THR B 77 -9.19 -20.01 11.48
CA THR B 77 -8.51 -21.20 11.98
C THR B 77 -7.33 -21.55 11.08
N GLY B 78 -6.47 -22.46 11.54
CA GLY B 78 -5.25 -22.80 10.79
C GLY B 78 -4.54 -21.56 10.24
N LEU B 79 -4.32 -20.59 11.10
CA LEU B 79 -3.64 -19.34 10.75
C LEU B 79 -2.41 -19.60 9.88
N GLN B 80 -2.30 -18.86 8.78
CA GLN B 80 -1.14 -18.86 7.93
C GLN B 80 -0.46 -17.46 7.86
N THR B 81 0.80 -17.48 7.52
CA THR B 81 1.59 -16.26 7.34
C THR B 81 0.95 -15.33 6.30
N GLY B 82 0.36 -15.88 5.24
CA GLY B 82 -0.47 -15.11 4.30
C GLY B 82 -1.72 -14.41 4.86
N ASP B 83 -2.17 -14.74 6.07
CA ASP B 83 -3.36 -14.10 6.64
C ASP B 83 -3.02 -12.75 7.33
N GLU B 84 -1.73 -12.47 7.46
CA GLU B 84 -1.26 -11.18 7.94
C GLU B 84 -1.83 -10.08 7.08
N ALA B 85 -2.71 -9.26 7.66
CA ALA B 85 -3.47 -8.29 6.91
C ALA B 85 -4.21 -7.35 7.89
N ASP B 86 -4.89 -6.36 7.35
CA ASP B 86 -5.91 -5.61 8.12
C ASP B 86 -7.29 -6.17 7.88
N TYR B 87 -8.10 -6.23 8.93
CA TYR B 87 -9.46 -6.76 8.84
C TYR B 87 -10.49 -5.71 9.32
N TYR B 88 -11.58 -5.56 8.57
CA TYR B 88 -12.59 -4.57 8.93
C TYR B 88 -13.94 -5.23 8.97
N CYS B 89 -14.77 -4.84 9.97
CA CYS B 89 -16.17 -5.17 9.91
C CYS B 89 -16.97 -3.97 9.31
N GLY B 90 -18.14 -4.25 8.79
CA GLY B 90 -19.04 -3.23 8.24
C GLY B 90 -20.47 -3.64 8.44
N THR B 91 -21.33 -2.65 8.68
CA THR B 91 -22.78 -2.83 8.74
C THR B 91 -23.47 -1.47 8.53
N TRP B 92 -24.72 -1.50 8.09
CA TRP B 92 -25.54 -0.32 8.00
C TRP B 92 -26.01 0.07 9.39
N ASP B 93 -26.09 1.38 9.63
CA ASP B 93 -26.70 1.93 10.85
C ASP B 93 -28.02 2.63 10.51
N SER B 94 -29.07 2.29 11.23
CA SER B 94 -30.45 2.54 10.89
C SER B 94 -30.90 3.81 11.54
N SER B 95 -30.03 4.39 12.33
CA SER B 95 -30.30 5.59 13.04
C SER B 95 -30.13 6.79 12.17
N LEU B 96 -30.75 7.90 12.55
CA LEU B 96 -30.33 9.25 12.18
C LEU B 96 -30.31 9.44 10.71
N SER B 97 -29.27 10.12 10.29
CA SER B 97 -28.97 10.22 8.90
C SER B 97 -28.70 8.81 8.45
N THR B 98 -28.00 8.09 9.31
CA THR B 98 -26.66 7.70 9.02
C THR B 98 -26.82 6.50 8.12
N GLY B 99 -25.73 6.09 7.52
CA GLY B 99 -25.64 4.97 6.59
C GLY B 99 -24.57 3.94 6.97
N GLN B 100 -23.61 3.69 6.10
CA GLN B 100 -22.75 2.48 6.26
C GLN B 100 -21.61 2.78 7.23
N LEU B 101 -21.37 1.89 8.19
CA LEU B 101 -20.27 2.02 9.14
C LEU B 101 -19.19 0.99 8.83
N PHE B 102 -17.93 1.37 9.09
CA PHE B 102 -16.85 0.41 9.28
C PHE B 102 -16.22 0.56 10.66
N GLY B 103 -15.78 -0.56 11.19
CA GLY B 103 -14.92 -0.57 12.36
C GLY B 103 -13.57 0.05 11.99
N GLY B 104 -12.83 0.46 13.00
CA GLY B 104 -11.51 1.10 12.75
C GLY B 104 -10.41 0.15 12.27
N GLY B 105 -10.73 -1.15 12.22
CA GLY B 105 -9.81 -2.09 11.60
C GLY B 105 -8.90 -2.75 12.66
N THR B 106 -8.49 -3.98 12.38
CA THR B 106 -7.59 -4.75 13.23
C THR B 106 -6.40 -5.26 12.39
N LYS B 107 -5.17 -4.91 12.80
CA LYS B 107 -3.95 -5.47 12.19
C LYS B 107 -3.65 -6.83 12.83
N LEU B 108 -3.79 -7.86 12.04
CA LEU B 108 -3.48 -9.21 12.46
C LEU B 108 -1.99 -9.46 12.14
N THR B 109 -1.19 -9.77 13.16
CA THR B 109 0.26 -10.07 13.00
C THR B 109 0.47 -11.54 13.27
N VAL B 110 1.14 -12.24 12.34
CA VAL B 110 1.50 -13.64 12.56
C VAL B 110 2.91 -13.89 13.05
N LEU B 111 2.94 -14.49 14.24
CA LEU B 111 4.12 -14.53 15.11
C LEU B 111 4.89 -15.84 15.07
N GLY B 112 5.05 -16.46 13.90
CA GLY B 112 5.85 -17.70 13.84
C GLY B 112 7.36 -17.55 14.11
N GLN B 113 7.89 -16.37 13.87
CA GLN B 113 9.20 -16.32 13.31
C GLN B 113 10.33 -16.12 14.32
N PRO B 114 11.49 -16.73 14.04
CA PRO B 114 12.70 -16.50 14.82
C PRO B 114 13.46 -15.23 14.42
N LYS B 115 14.23 -14.72 15.37
CA LYS B 115 15.19 -13.64 15.15
C LYS B 115 16.09 -13.93 13.96
N ALA B 116 16.23 -12.95 13.07
CA ALA B 116 17.22 -13.04 11.99
C ALA B 116 17.96 -11.71 11.86
N ALA B 117 19.28 -11.80 11.71
CA ALA B 117 20.17 -10.64 11.64
C ALA B 117 20.10 -10.06 10.23
N PRO B 118 20.13 -8.73 10.10
CA PRO B 118 20.03 -8.17 8.75
C PRO B 118 21.27 -8.42 7.88
N SER B 119 21.06 -8.57 6.59
CA SER B 119 22.12 -8.40 5.60
C SER B 119 22.11 -6.95 5.13
N VAL B 120 23.30 -6.40 4.92
CA VAL B 120 23.47 -5.05 4.45
C VAL B 120 24.23 -5.03 3.11
N THR B 121 23.63 -4.42 2.09
CA THR B 121 24.25 -4.34 0.75
C THR B 121 24.23 -2.90 0.28
N LEU B 122 25.37 -2.42 -0.18
CA LEU B 122 25.58 -1.03 -0.58
C LEU B 122 25.71 -0.92 -2.09
N PHE B 123 25.13 0.14 -2.67
CA PHE B 123 25.36 0.51 -4.07
C PHE B 123 25.92 1.93 -4.12
N PRO B 124 27.03 2.11 -4.83
CA PRO B 124 27.53 3.46 -5.03
C PRO B 124 26.64 4.25 -6.03
N PRO B 125 26.85 5.56 -6.10
CA PRO B 125 26.20 6.32 -7.15
C PRO B 125 26.48 5.74 -8.50
N SER B 126 25.48 5.71 -9.38
CA SER B 126 25.66 5.26 -10.75
C SER B 126 26.39 6.32 -11.54
N SER B 127 26.99 5.87 -12.63
CA SER B 127 27.65 6.74 -13.54
C SER B 127 26.71 7.79 -14.15
N GLU B 128 25.49 7.40 -14.49
CA GLU B 128 24.50 8.35 -15.01
C GLU B 128 24.11 9.42 -13.99
N GLU B 129 23.93 9.05 -12.74
CA GLU B 129 23.65 10.05 -11.72
C GLU B 129 24.80 11.07 -11.53
N LEU B 130 26.03 10.56 -11.47
CA LEU B 130 27.19 11.43 -11.39
C LEU B 130 27.30 12.34 -12.61
N GLN B 131 26.92 11.86 -13.81
CA GLN B 131 26.98 12.71 -15.02
C GLN B 131 25.92 13.82 -14.91
N ALA B 132 24.87 13.57 -14.13
CA ALA B 132 23.88 14.57 -13.82
C ALA B 132 24.24 15.40 -12.57
N ASN B 133 25.49 15.32 -12.10
CA ASN B 133 25.98 16.20 -11.03
C ASN B 133 25.28 15.96 -9.70
N LYS B 134 24.85 14.72 -9.45
CA LYS B 134 24.37 14.30 -8.15
C LYS B 134 24.98 12.97 -7.76
N ALA B 135 24.75 12.57 -6.53
CA ALA B 135 25.24 11.30 -6.06
C ALA B 135 24.34 10.82 -4.92
N THR B 136 23.81 9.61 -5.06
CA THR B 136 23.03 8.93 -4.01
C THR B 136 23.62 7.54 -3.67
N LEU B 137 24.01 7.34 -2.41
CA LEU B 137 24.49 6.04 -1.93
C LEU B 137 23.25 5.29 -1.39
N VAL B 138 23.11 4.00 -1.73
CA VAL B 138 21.94 3.24 -1.39
C VAL B 138 22.36 2.07 -0.50
N CYS B 139 21.73 1.97 0.66
CA CYS B 139 22.00 0.90 1.59
C CYS B 139 20.72 0.06 1.68
N LEU B 140 20.79 -1.18 1.22
CA LEU B 140 19.68 -2.11 1.27
C LEU B 140 19.80 -3.04 2.46
N ILE B 141 18.75 -3.11 3.28
CA ILE B 141 18.85 -3.85 4.53
C ILE B 141 17.83 -4.98 4.44
N SER B 142 18.29 -6.23 4.52
CA SER B 142 17.39 -7.34 4.20
C SER B 142 17.41 -8.54 5.16
N ASP B 143 16.30 -9.29 5.12
CA ASP B 143 16.17 -10.60 5.80
C ASP B 143 16.34 -10.52 7.31
N PHE B 144 15.77 -9.47 7.91
CA PHE B 144 15.80 -9.34 9.35
C PHE B 144 14.44 -9.55 10.03
N TYR B 145 14.51 -9.86 11.33
CA TYR B 145 13.30 -10.07 12.17
C TYR B 145 13.75 -10.00 13.62
N PRO B 146 13.08 -9.18 14.44
CA PRO B 146 11.88 -8.39 14.15
C PRO B 146 12.16 -7.18 13.30
N GLY B 147 11.12 -6.39 13.07
CA GLY B 147 11.07 -5.40 11.99
C GLY B 147 11.46 -3.98 12.35
N ALA B 148 12.51 -3.85 13.12
CA ALA B 148 12.85 -2.60 13.78
C ALA B 148 14.36 -2.52 13.73
N VAL B 149 14.87 -1.56 12.96
CA VAL B 149 16.29 -1.25 12.90
C VAL B 149 16.50 0.27 13.04
N THR B 150 17.72 0.67 13.39
CA THR B 150 18.12 2.05 13.20
C THR B 150 19.35 2.06 12.33
N VAL B 151 19.40 3.06 11.45
CA VAL B 151 20.39 3.14 10.43
C VAL B 151 21.16 4.43 10.60
N ALA B 152 22.48 4.38 10.59
CA ALA B 152 23.28 5.61 10.60
C ALA B 152 24.35 5.53 9.51
N TRP B 153 24.71 6.69 9.00
CA TRP B 153 25.79 6.78 8.06
C TRP B 153 27.01 7.49 8.66
N LYS B 154 28.17 7.09 8.21
CA LYS B 154 29.42 7.71 8.55
C LYS B 154 30.19 8.05 7.30
N ALA B 155 30.83 9.19 7.31
CA ALA B 155 31.98 9.41 6.45
C ALA B 155 33.27 9.30 7.25
N ASP B 156 34.08 8.31 6.93
CA ASP B 156 35.36 8.12 7.60
C ASP B 156 35.23 8.13 9.11
N SER B 157 34.24 7.46 9.65
CA SER B 157 34.18 7.36 11.08
C SER B 157 33.52 8.54 11.74
N SER B 158 33.17 9.58 11.01
CA SER B 158 32.36 10.60 11.64
C SER B 158 30.94 10.68 11.12
N PRO B 159 30.00 10.91 12.00
CA PRO B 159 28.59 10.78 11.66
C PRO B 159 28.15 11.76 10.61
N VAL B 160 27.31 11.29 9.73
CA VAL B 160 26.70 12.12 8.71
C VAL B 160 25.21 12.15 8.96
N LYS B 161 24.68 13.27 9.43
CA LYS B 161 23.22 13.36 9.66
C LYS B 161 22.41 13.92 8.46
N ALA B 162 22.92 14.98 7.81
CA ALA B 162 22.19 15.68 6.71
C ALA B 162 22.05 14.79 5.46
N GLY B 163 20.90 14.86 4.79
CA GLY B 163 20.69 14.12 3.52
C GLY B 163 20.47 12.60 3.68
N VAL B 164 20.07 12.16 4.85
CA VAL B 164 19.69 10.73 5.08
C VAL B 164 18.18 10.53 5.04
N GLU B 165 17.70 9.54 4.29
CA GLU B 165 16.28 9.15 4.38
C GLU B 165 16.22 7.65 4.42
N THR B 166 15.38 7.12 5.29
CA THR B 166 15.31 5.66 5.52
C THR B 166 13.82 5.27 5.47
N THR B 167 13.49 4.21 4.74
CA THR B 167 12.12 3.68 4.72
C THR B 167 11.78 2.98 6.03
N THR B 168 10.51 2.94 6.35
CA THR B 168 10.04 2.09 7.46
C THR B 168 10.01 0.61 6.96
N PRO B 169 10.54 -0.34 7.74
CA PRO B 169 10.68 -1.73 7.27
C PRO B 169 9.34 -2.31 6.82
N SER B 170 9.34 -3.17 5.80
CA SER B 170 8.11 -3.84 5.41
C SER B 170 8.49 -5.26 5.01
N LYS B 171 7.50 -6.17 5.00
CA LYS B 171 7.79 -7.61 4.84
C LYS B 171 8.22 -7.91 3.42
N GLN B 172 9.22 -8.78 3.29
CA GLN B 172 9.62 -9.32 1.99
C GLN B 172 8.67 -10.48 1.72
N SER B 173 8.69 -10.98 0.50
CA SER B 173 7.83 -12.10 0.19
C SER B 173 8.24 -13.43 0.89
N ASN B 174 9.44 -13.51 1.47
CA ASN B 174 9.78 -14.65 2.36
C ASN B 174 9.45 -14.46 3.86
N ASN B 175 8.74 -13.38 4.21
CA ASN B 175 8.32 -13.08 5.57
C ASN B 175 9.27 -12.46 6.56
N LYS B 176 10.50 -12.16 6.14
CA LYS B 176 11.41 -11.37 6.96
C LYS B 176 11.24 -9.97 6.45
N TYR B 177 11.88 -9.00 7.08
CA TYR B 177 11.70 -7.61 6.76
C TYR B 177 12.85 -7.16 5.91
N ALA B 178 12.62 -6.08 5.17
CA ALA B 178 13.66 -5.33 4.45
C ALA B 178 13.38 -3.84 4.65
N ALA B 179 14.42 -3.04 4.50
CA ALA B 179 14.33 -1.62 4.53
C ALA B 179 15.44 -1.06 3.66
N SER B 180 15.37 0.23 3.38
CA SER B 180 16.39 0.92 2.57
C SER B 180 16.69 2.29 3.15
N SER B 181 17.94 2.75 2.97
CA SER B 181 18.36 4.08 3.39
C SER B 181 19.21 4.70 2.28
N TYR B 182 19.06 6.01 2.11
CA TYR B 182 19.72 6.77 1.06
C TYR B 182 20.53 7.89 1.70
N LEU B 183 21.76 8.05 1.22
CA LEU B 183 22.59 9.19 1.57
C LEU B 183 22.89 10.00 0.29
N SER B 184 22.38 11.24 0.27
CA SER B 184 22.65 12.13 -0.84
C SER B 184 23.94 12.91 -0.59
N LEU B 185 24.81 12.97 -1.60
CA LEU B 185 26.09 13.68 -1.52
C LEU B 185 26.30 14.48 -2.79
N THR B 186 27.28 15.41 -2.77
CA THR B 186 27.81 15.96 -3.99
C THR B 186 28.77 14.95 -4.61
N PRO B 187 28.90 14.97 -5.94
CA PRO B 187 29.90 14.17 -6.64
C PRO B 187 31.28 14.34 -6.05
N GLU B 188 31.64 15.57 -5.67
CA GLU B 188 32.99 15.74 -5.14
C GLU B 188 33.20 15.26 -3.70
N GLN B 189 32.14 15.32 -2.87
CA GLN B 189 32.18 14.62 -1.59
C GLN B 189 32.37 13.12 -1.83
N TRP B 190 31.64 12.55 -2.79
CA TRP B 190 31.73 11.12 -3.08
C TRP B 190 33.14 10.77 -3.57
N LYS B 191 33.70 11.56 -4.47
CA LYS B 191 35.01 11.24 -5.04
C LYS B 191 36.19 11.47 -4.09
N SER B 192 35.98 12.19 -2.99
CA SER B 192 37.09 12.59 -2.12
C SER B 192 37.43 11.59 -1.03
N HIS B 193 36.44 11.27 -0.20
CA HIS B 193 36.73 10.57 1.05
C HIS B 193 37.36 9.23 0.71
N ARG B 194 38.27 8.79 1.56
CA ARG B 194 38.53 7.37 1.68
C ARG B 194 37.24 6.50 1.71
N SER B 195 36.12 6.93 2.33
CA SER B 195 35.04 6.00 2.58
C SER B 195 33.76 6.49 3.27
N TYR B 196 32.67 5.79 2.95
CA TYR B 196 31.37 5.97 3.57
C TYR B 196 30.81 4.63 4.08
N SER B 197 30.10 4.67 5.21
CA SER B 197 29.65 3.44 5.84
C SER B 197 28.20 3.56 6.19
N CYS B 198 27.43 2.51 5.89
CA CYS B 198 26.08 2.27 6.42
C CYS B 198 26.15 1.31 7.65
N GLN B 199 25.75 1.81 8.83
CA GLN B 199 25.71 1.03 10.07
C GLN B 199 24.28 0.73 10.44
N VAL B 200 23.94 -0.56 10.54
CA VAL B 200 22.56 -0.93 10.83
C VAL B 200 22.50 -1.56 12.20
N THR B 201 21.68 -1.00 13.07
CA THR B 201 21.56 -1.55 14.43
C THR B 201 20.22 -2.28 14.61
N HIS B 202 20.32 -3.50 15.10
CA HIS B 202 19.19 -4.42 15.21
C HIS B 202 19.32 -5.21 16.50
N GLU B 203 18.38 -5.03 17.42
CA GLU B 203 18.39 -5.77 18.68
C GLU B 203 19.76 -5.67 19.36
N GLY B 204 20.27 -4.44 19.46
CA GLY B 204 21.53 -4.16 20.15
C GLY B 204 22.83 -4.55 19.45
N SER B 205 22.71 -5.06 18.23
CA SER B 205 23.87 -5.47 17.44
C SER B 205 23.94 -4.60 16.21
N THR B 206 25.11 -3.99 16.03
CA THR B 206 25.39 -3.18 14.87
C THR B 206 26.23 -3.97 13.87
N VAL B 207 25.75 -4.01 12.63
CA VAL B 207 26.56 -4.41 11.49
C VAL B 207 26.80 -3.21 10.55
N GLU B 208 27.99 -3.13 9.96
CA GLU B 208 28.26 -2.09 8.99
C GLU B 208 28.91 -2.61 7.72
N LYS B 209 28.57 -1.98 6.60
CA LYS B 209 29.34 -2.12 5.36
C LYS B 209 29.87 -0.77 4.92
N THR B 210 30.97 -0.79 4.19
CA THR B 210 31.74 0.39 3.87
C THR B 210 32.08 0.41 2.38
N MET B 211 32.03 1.59 1.78
CA MET B 211 32.50 1.68 0.41
C MET B 211 33.21 3.01 0.16
N ALA B 212 33.88 3.11 -0.98
CA ALA B 212 34.63 4.29 -1.38
C ALA B 212 34.67 4.42 -2.88
N HIS B 213 34.91 5.63 -3.36
CA HIS B 213 34.97 5.90 -4.78
C HIS B 213 36.10 5.13 -5.47
N ALA B 214 37.23 4.96 -4.80
CA ALA B 214 38.36 4.29 -5.43
C ALA B 214 38.08 2.85 -5.87
N GLU B 215 37.07 2.20 -5.26
CA GLU B 215 36.77 0.81 -5.55
C GLU B 215 36.20 0.60 -6.96
#